data_7XH8
#
_entry.id   7XH8
#
_cell.length_a   1.00
_cell.length_b   1.00
_cell.length_c   1.00
_cell.angle_alpha   90.00
_cell.angle_beta   90.00
_cell.angle_gamma   90.00
#
_symmetry.space_group_name_H-M   'P 1'
#
loop_
_entity.id
_entity.type
_entity.pdbx_description
1 polymer 'Spike glycoprotein'
2 polymer 'The heavy chain of ZCB11 antibody'
3 polymer 'The light chain of ZCB11 antibody'
#
loop_
_entity_poly.entity_id
_entity_poly.type
_entity_poly.pdbx_seq_one_letter_code
_entity_poly.pdbx_strand_id
1 'polypeptide(L)'
;MFVFLVLLPLVSSQCVNLTTRTQLPPAYTNSFTRGVYYPDKVFRSSVLHSTQDLFLPFFSNVTWFHVISGTNGTKRFDNP
VLPFNDGVYFASIEKSNIIRGWIFGTTLDSKTQSLLIVNNATNVVIKVCEFQFCNDPFLDHKNNKSWMESEFRVYSSANN
CTFEYVSQPFLMDLEGKQGNFKNLREFVFKNIDGYFKIYSKHTPIIVREPEDLPQGFSALEPLVDLPIGINITRFQTLLA
LHRSYLTPGDSSSGWTAGAAAYYVGYLQPRTFLLKYNENGTITDAVDCALDPLSETKCTLKSFTVEKGIYQTSNFRVQPT
ESIVRFPNITNLCPFDEVFNATRFASVYAWNRKRISNCVADYSVLYNLAPFFTFKCYGVSPTKLNDLCFTNVYADSFVIR
GDEVRQIAPGQTGNIADYNYKLPDDFTGCVIAWNSNKLDSKVSGNYNYLYRLFRKSNLKPFERDISTEIYQAGNKPCNGV
AGFNCYFPLRSYSFRPTYGVGHQPYRVVVLSFELLHAPATVCGPKKSTNLVKNKCVNFNFNGLKGTGVLTESNKKFLPFQ
QFGRDIADTTDAVRDPQTLEILDITPCSFGGVSVITPGTNTSNQVAVLYQGVNCTEVPVAIHADQLTPTWRVYSTGSNVF
QTRAGCLIGAEYVNNSYECDIPIGAGICASYQTQTKSHGSASSVASQSIIAYTMSLGAENSVAYSNNSIAIPTNFTISVT
TEILPVSMTKTSVDCTMYICGDSTECSNLLLQYGSFCTQLKRALTGIAVEQDKNTQEVFAQVKQIYKTPPIKYFGGFNFS
QILPDPSKPSKRSFIEDLLFNKVTLADAGFIKQYGDCLGDIAARDLICAQKFKGLTVLPPLLTDEMIAQYTSALLAGTIT
SGWTFGAGAALQIPFAMQMAYRFNGIGVTQNVLYENQKLIANQFNSAIGKIQDSLSSTASALGKLQDVVNHNAQALNTLV
KQLSSKFGAISSVLNDIFSRLDPPEAEVQIDRLITGRLQSLQTYVTQQLIRAAEIRASANLAATKMSECVLGQSKRVDFC
GKGYHLMSFPQSAPHGVVFLHVTYVPAQEKNFTTAPAICHDGKAHFPREGVFVSNGTHWFVTQRNFYEPQIITTDNTFVS
GNCDVVIGIVNNTVYDPLQPELDSFKEELDKYFKNHTSPDVDLGDISGINASVVNIQKEIDRLNEVAKNLNESLIDLQEL
GKYEQ
;
A
2 'polypeptide(L)'
;EVQLVQSGPEVKKPGTSVKVACKASGFTFITPVSMQWVRQARGQRLEWLGWIVLASGNTDYAQKFQERVTIIRDMSTSTA
YMELSRLRTEDTAVYYCAAPSCSRTICSDGFDIWGQGTMVTVSSASTKGPSVFPLAPSSKSTSGGTAALGCLVKDYFPEP
VTVSWNSGALTSGVHTFPAVLQSSGLYSLSSVVTVPSSSLGTQTYICNVNHKPSNTKVDKKV
;
B
3 'polypeptide(L)'
;EIVLTQSPGTLSLSPGERATLSCRASQSVSSSYLAWFQQKPGQAPRLLIFAASSRAIGIPARFSGSGSGTDFTLTISRLE
PEDFAVYYCQQYSSSPWTFGQGTKVEIKRTVAAPSVFIFPPSDEQLKSGTASVVCLLNNFYPREAKVQWKVDNALQSGNS
QESVTEQDSKDSTYSLSSTLTLSKADYEKHKVYACEVTHQGLSSPVTKSFNRGEC
;
C
#
# COMPACT_ATOMS: atom_id res chain seq x y z
N PHE A 335 -8.14 -37.01 -14.50
CA PHE A 335 -7.80 -35.61 -14.80
C PHE A 335 -9.04 -34.70 -14.95
N ASP A 336 -10.17 -35.25 -15.40
CA ASP A 336 -11.47 -34.56 -15.45
C ASP A 336 -11.92 -33.98 -14.11
N GLU A 337 -11.72 -34.70 -13.01
CA GLU A 337 -12.06 -34.23 -11.66
C GLU A 337 -11.25 -32.98 -11.23
N VAL A 338 -10.10 -32.71 -11.86
CA VAL A 338 -9.30 -31.50 -11.62
C VAL A 338 -9.72 -30.39 -12.57
N PHE A 339 -9.76 -30.65 -13.88
CA PHE A 339 -10.08 -29.64 -14.90
C PHE A 339 -11.55 -29.16 -14.81
N ASN A 340 -12.48 -30.10 -14.66
CA ASN A 340 -13.92 -29.85 -14.56
C ASN A 340 -14.42 -29.66 -13.12
N ALA A 341 -13.53 -29.46 -12.13
CA ALA A 341 -13.93 -29.16 -10.76
C ALA A 341 -14.84 -27.92 -10.69
N THR A 342 -16.02 -28.04 -10.07
CA THR A 342 -17.03 -26.96 -10.02
C THR A 342 -16.48 -25.66 -9.43
N ARG A 343 -15.59 -25.77 -8.43
CA ARG A 343 -14.90 -24.67 -7.75
C ARG A 343 -13.40 -24.95 -7.70
N PHE A 344 -12.59 -23.98 -8.12
CA PHE A 344 -11.14 -24.00 -7.93
C PHE A 344 -10.73 -23.35 -6.60
N ALA A 345 -9.47 -23.51 -6.20
CA ALA A 345 -8.93 -22.84 -5.01
C ALA A 345 -8.50 -21.38 -5.28
N SER A 346 -8.44 -20.60 -4.21
CA SER A 346 -7.70 -19.33 -4.15
C SER A 346 -6.19 -19.60 -4.25
N VAL A 347 -5.43 -18.80 -5.02
CA VAL A 347 -4.01 -19.08 -5.28
C VAL A 347 -3.09 -19.09 -4.05
N TYR A 348 -3.37 -18.32 -2.99
CA TYR A 348 -2.59 -18.42 -1.73
C TYR A 348 -2.75 -19.79 -1.03
N ALA A 349 -3.87 -20.47 -1.31
CA ALA A 349 -4.28 -21.74 -0.71
C ALA A 349 -4.55 -22.77 -1.81
N TRP A 350 -3.72 -22.76 -2.86
CA TRP A 350 -3.75 -23.68 -4.01
C TRP A 350 -3.91 -25.14 -3.58
N ASN A 351 -4.73 -25.90 -4.31
CA ASN A 351 -5.01 -27.30 -3.98
C ASN A 351 -4.02 -28.22 -4.70
N ARG A 352 -3.55 -29.30 -4.07
CA ARG A 352 -2.69 -30.33 -4.70
C ARG A 352 -3.41 -31.67 -4.73
N LYS A 353 -3.58 -32.26 -5.90
CA LYS A 353 -4.06 -33.64 -6.07
C LYS A 353 -2.94 -34.52 -6.60
N ARG A 354 -2.55 -35.55 -5.84
CA ARG A 354 -1.72 -36.64 -6.37
C ARG A 354 -2.59 -37.51 -7.30
N ILE A 355 -2.15 -37.66 -8.54
CA ILE A 355 -2.68 -38.60 -9.53
C ILE A 355 -1.66 -39.73 -9.65
N SER A 356 -2.11 -40.97 -9.50
CA SER A 356 -1.29 -42.18 -9.61
C SER A 356 -2.04 -43.24 -10.41
N ASN A 357 -1.28 -44.11 -11.10
CA ASN A 357 -1.80 -45.22 -11.91
C ASN A 357 -2.87 -44.83 -12.95
N CYS A 358 -2.79 -43.61 -13.49
CA CYS A 358 -3.71 -43.10 -14.50
C CYS A 358 -2.95 -42.85 -15.80
N VAL A 359 -3.46 -43.38 -16.91
CA VAL A 359 -3.19 -42.81 -18.24
C VAL A 359 -3.82 -41.42 -18.27
N ALA A 360 -3.01 -40.43 -18.65
CA ALA A 360 -3.43 -39.05 -18.70
C ALA A 360 -4.06 -38.77 -20.07
N ASP A 361 -5.38 -38.88 -20.16
CA ASP A 361 -6.07 -38.39 -21.36
C ASP A 361 -6.07 -36.85 -21.39
N TYR A 362 -5.15 -36.29 -22.18
CA TYR A 362 -5.12 -34.85 -22.45
C TYR A 362 -6.18 -34.41 -23.48
N SER A 363 -7.07 -35.28 -23.98
CA SER A 363 -8.11 -34.87 -24.93
C SER A 363 -9.09 -33.82 -24.38
N VAL A 364 -9.26 -33.81 -23.06
CA VAL A 364 -9.98 -32.79 -22.26
C VAL A 364 -9.48 -31.36 -22.53
N LEU A 365 -8.17 -31.22 -22.82
CA LEU A 365 -7.52 -29.96 -23.14
C LEU A 365 -7.96 -29.35 -24.49
N TYR A 366 -8.34 -30.15 -25.48
CA TYR A 366 -8.83 -29.63 -26.77
C TYR A 366 -10.15 -28.85 -26.62
N ASN A 367 -11.00 -29.25 -25.66
CA ASN A 367 -12.25 -28.55 -25.32
C ASN A 367 -12.06 -27.19 -24.60
N LEU A 368 -10.83 -26.81 -24.24
CA LEU A 368 -10.52 -25.54 -23.56
C LEU A 368 -9.99 -24.44 -24.50
N ALA A 369 -9.79 -24.72 -25.79
CA ALA A 369 -9.51 -23.69 -26.79
C ALA A 369 -10.72 -22.73 -26.90
N PRO A 370 -10.54 -21.40 -26.69
CA PRO A 370 -9.66 -20.59 -27.55
C PRO A 370 -8.71 -19.63 -26.79
N PHE A 371 -8.76 -19.59 -25.45
CA PHE A 371 -7.97 -18.65 -24.62
C PHE A 371 -7.11 -19.41 -23.62
N PHE A 372 -6.39 -20.40 -24.16
CA PHE A 372 -5.67 -21.41 -23.39
C PHE A 372 -4.15 -21.23 -23.56
N THR A 373 -3.46 -20.93 -22.45
CA THR A 373 -2.00 -21.08 -22.37
C THR A 373 -1.68 -22.50 -21.94
N PHE A 374 -1.00 -23.28 -22.79
CA PHE A 374 -0.37 -24.56 -22.42
C PHE A 374 1.13 -24.42 -22.62
N LYS A 375 1.94 -24.61 -21.57
CA LYS A 375 3.39 -24.49 -21.66
C LYS A 375 4.11 -25.52 -20.80
N CYS A 376 4.87 -26.38 -21.47
CA CYS A 376 5.63 -27.47 -20.88
C CYS A 376 7.10 -27.06 -20.69
N TYR A 377 7.73 -27.63 -19.66
CA TYR A 377 9.10 -27.37 -19.21
C TYR A 377 9.74 -28.72 -18.84
N GLY A 378 10.93 -29.00 -19.36
CA GLY A 378 11.61 -30.30 -19.21
C GLY A 378 10.97 -31.50 -19.95
N VAL A 379 9.71 -31.38 -20.40
CA VAL A 379 8.97 -32.43 -21.12
C VAL A 379 8.38 -31.92 -22.44
N SER A 380 8.28 -32.81 -23.44
CA SER A 380 7.48 -32.54 -24.64
C SER A 380 5.98 -32.73 -24.33
N PRO A 381 5.09 -31.79 -24.72
CA PRO A 381 3.66 -31.93 -24.53
C PRO A 381 3.09 -33.22 -25.17
N THR A 382 3.63 -33.59 -26.33
CA THR A 382 3.22 -34.78 -27.09
C THR A 382 3.47 -36.10 -26.36
N LYS A 383 4.52 -36.17 -25.51
CA LYS A 383 4.89 -37.40 -24.78
C LYS A 383 4.04 -37.65 -23.53
N LEU A 384 3.23 -36.68 -23.13
CA LEU A 384 2.42 -36.79 -21.91
C LEU A 384 1.32 -37.85 -22.02
N ASN A 385 0.79 -38.08 -23.23
CA ASN A 385 -0.21 -39.12 -23.49
C ASN A 385 0.35 -40.53 -23.23
N ASP A 386 1.55 -40.82 -23.70
CA ASP A 386 2.22 -42.13 -23.61
C ASP A 386 2.96 -42.36 -22.28
N LEU A 387 3.69 -41.36 -21.76
CA LEU A 387 4.42 -41.48 -20.49
C LEU A 387 3.46 -41.42 -19.29
N CYS A 388 2.98 -42.58 -18.86
CA CYS A 388 2.25 -42.73 -17.59
C CYS A 388 3.20 -42.60 -16.38
N PHE A 389 3.45 -41.35 -15.93
CA PHE A 389 4.24 -41.08 -14.74
C PHE A 389 3.55 -41.68 -13.50
N THR A 390 4.27 -42.48 -12.69
CA THR A 390 3.69 -43.24 -11.55
C THR A 390 2.99 -42.36 -10.52
N ASN A 391 3.47 -41.13 -10.37
CA ASN A 391 2.89 -40.07 -9.56
C ASN A 391 3.05 -38.74 -10.30
N VAL A 392 1.93 -38.11 -10.65
CA VAL A 392 1.85 -36.70 -11.04
C VAL A 392 1.17 -35.93 -9.90
N TYR A 393 1.59 -34.71 -9.59
CA TYR A 393 0.81 -33.75 -8.82
C TYR A 393 0.11 -32.77 -9.76
N ALA A 394 -1.21 -32.66 -9.63
CA ALA A 394 -2.00 -31.62 -10.26
C ALA A 394 -2.35 -30.53 -9.23
N ASP A 395 -1.65 -29.41 -9.29
CA ASP A 395 -1.93 -28.21 -8.49
C ASP A 395 -2.98 -27.34 -9.18
N SER A 396 -4.01 -26.87 -8.48
CA SER A 396 -5.08 -26.07 -9.09
C SER A 396 -5.49 -24.82 -8.29
N PHE A 397 -5.70 -23.71 -9.01
CA PHE A 397 -6.01 -22.39 -8.46
C PHE A 397 -6.56 -21.39 -9.51
N VAL A 398 -7.08 -20.24 -9.06
CA VAL A 398 -7.49 -19.10 -9.91
C VAL A 398 -6.62 -17.87 -9.67
N ILE A 399 -6.25 -17.18 -10.75
CA ILE A 399 -5.51 -15.89 -10.81
C ILE A 399 -6.09 -15.00 -11.93
N ARG A 400 -5.61 -13.75 -12.07
CA ARG A 400 -5.93 -12.91 -13.24
C ARG A 400 -5.18 -13.37 -14.49
N GLY A 401 -5.68 -13.00 -15.68
CA GLY A 401 -4.99 -13.24 -16.95
C GLY A 401 -3.56 -12.67 -17.05
N ASP A 402 -3.35 -11.43 -16.58
CA ASP A 402 -2.02 -10.77 -16.55
C ASP A 402 -1.01 -11.41 -15.56
N GLU A 403 -1.51 -12.26 -14.66
CA GLU A 403 -0.71 -12.98 -13.66
C GLU A 403 -0.31 -14.38 -14.14
N VAL A 404 -0.93 -14.95 -15.19
CA VAL A 404 -0.63 -16.31 -15.72
C VAL A 404 0.84 -16.47 -16.12
N ARG A 405 1.46 -15.42 -16.66
CA ARG A 405 2.89 -15.38 -17.00
C ARG A 405 3.85 -15.61 -15.81
N GLN A 406 3.41 -15.36 -14.58
CA GLN A 406 4.20 -15.60 -13.36
C GLN A 406 4.25 -17.08 -12.97
N ILE A 407 3.36 -17.92 -13.52
CA ILE A 407 3.36 -19.37 -13.28
C ILE A 407 4.35 -20.04 -14.25
N ALA A 408 5.64 -19.79 -14.03
CA ALA A 408 6.74 -20.36 -14.78
C ALA A 408 8.04 -20.39 -13.95
N PRO A 409 9.01 -21.26 -14.30
CA PRO A 409 10.33 -21.28 -13.67
C PRO A 409 11.07 -19.94 -13.79
N GLY A 410 11.90 -19.60 -12.80
CA GLY A 410 12.64 -18.34 -12.74
C GLY A 410 11.81 -17.04 -12.60
N GLN A 411 10.47 -17.08 -12.65
CA GLN A 411 9.65 -15.87 -12.58
C GLN A 411 9.66 -15.23 -11.19
N THR A 412 9.49 -13.90 -11.17
CA THR A 412 9.25 -13.08 -9.97
C THR A 412 7.96 -12.30 -10.10
N GLY A 413 7.47 -11.74 -9.00
CA GLY A 413 6.19 -11.02 -8.95
C GLY A 413 5.30 -11.55 -7.84
N ASN A 414 4.24 -10.82 -7.50
CA ASN A 414 3.43 -11.09 -6.31
C ASN A 414 2.85 -12.53 -6.24
N ILE A 415 2.49 -13.12 -7.38
CA ILE A 415 1.96 -14.49 -7.42
C ILE A 415 3.09 -15.52 -7.31
N ALA A 416 4.17 -15.37 -8.09
CA ALA A 416 5.33 -16.26 -8.06
C ALA A 416 6.07 -16.22 -6.71
N ASP A 417 6.27 -15.03 -6.13
CA ASP A 417 7.03 -14.83 -4.90
C ASP A 417 6.24 -15.22 -3.64
N TYR A 418 4.92 -14.96 -3.57
CA TYR A 418 4.15 -15.06 -2.30
C TYR A 418 2.94 -16.01 -2.34
N ASN A 419 2.62 -16.65 -3.48
CA ASN A 419 1.45 -17.53 -3.60
C ASN A 419 1.78 -18.92 -4.14
N TYR A 420 2.50 -19.01 -5.27
CA TYR A 420 2.80 -20.27 -5.93
C TYR A 420 4.12 -20.17 -6.71
N LYS A 421 5.19 -20.72 -6.15
CA LYS A 421 6.53 -20.73 -6.76
C LYS A 421 6.81 -22.09 -7.41
N LEU A 422 7.21 -22.08 -8.68
CA LEU A 422 7.84 -23.23 -9.33
C LEU A 422 9.36 -23.23 -9.11
N PRO A 423 9.99 -24.41 -9.04
CA PRO A 423 11.45 -24.53 -9.04
C PRO A 423 12.03 -24.19 -10.41
N ASP A 424 13.33 -23.90 -10.47
CA ASP A 424 14.00 -23.51 -11.70
C ASP A 424 14.35 -24.71 -12.62
N ASP A 425 14.44 -25.92 -12.06
CA ASP A 425 14.54 -27.21 -12.77
C ASP A 425 13.17 -27.89 -13.01
N PHE A 426 12.07 -27.13 -12.91
CA PHE A 426 10.71 -27.65 -13.05
C PHE A 426 10.51 -28.47 -14.34
N THR A 427 10.16 -29.73 -14.13
CA THR A 427 9.78 -30.69 -15.17
C THR A 427 8.29 -30.94 -15.03
N GLY A 428 7.51 -30.59 -16.05
CA GLY A 428 6.05 -30.54 -15.96
C GLY A 428 5.43 -29.46 -16.83
N CYS A 429 4.13 -29.20 -16.62
CA CYS A 429 3.28 -28.47 -17.57
C CYS A 429 2.38 -27.46 -16.85
N VAL A 430 2.36 -26.22 -17.32
CA VAL A 430 1.42 -25.20 -16.87
C VAL A 430 0.28 -25.06 -17.88
N ILE A 431 -0.95 -25.19 -17.41
CA ILE A 431 -2.19 -25.11 -18.19
C ILE A 431 -3.05 -24.00 -17.59
N ALA A 432 -3.50 -23.04 -18.39
CA ALA A 432 -4.37 -21.95 -17.94
C ALA A 432 -5.42 -21.58 -18.98
N TRP A 433 -6.68 -21.45 -18.57
CA TRP A 433 -7.79 -21.05 -19.45
C TRP A 433 -8.67 -19.98 -18.80
N ASN A 434 -9.21 -19.12 -19.65
CA ASN A 434 -10.16 -18.10 -19.24
C ASN A 434 -11.45 -18.74 -18.67
N SER A 435 -11.85 -18.30 -17.48
CA SER A 435 -12.97 -18.84 -16.70
C SER A 435 -14.04 -17.77 -16.39
N ASN A 436 -14.04 -16.64 -17.11
CA ASN A 436 -14.88 -15.47 -16.83
C ASN A 436 -16.40 -15.78 -16.76
N LYS A 437 -16.89 -16.76 -17.52
CA LYS A 437 -18.29 -17.22 -17.46
C LYS A 437 -18.66 -17.99 -16.18
N LEU A 438 -17.69 -18.64 -15.53
CA LEU A 438 -17.88 -19.46 -14.32
C LEU A 438 -17.56 -18.69 -13.04
N ASP A 439 -16.47 -17.91 -13.07
CA ASP A 439 -15.82 -17.38 -11.88
C ASP A 439 -15.94 -15.85 -11.70
N SER A 440 -16.63 -15.15 -12.59
CA SER A 440 -17.06 -13.74 -12.38
C SER A 440 -18.53 -13.61 -11.96
N LYS A 441 -18.87 -12.50 -11.30
CA LYS A 441 -20.26 -12.07 -11.02
C LYS A 441 -20.43 -10.58 -11.34
N VAL A 442 -21.65 -10.12 -11.66
CA VAL A 442 -21.91 -8.71 -12.04
C VAL A 442 -21.54 -7.72 -10.92
N SER A 443 -21.84 -8.09 -9.66
CA SER A 443 -21.41 -7.40 -8.43
C SER A 443 -19.90 -7.49 -8.14
N GLY A 444 -19.18 -8.33 -8.87
CA GLY A 444 -17.89 -8.91 -8.53
C GLY A 444 -18.05 -10.24 -7.78
N ASN A 445 -17.27 -11.24 -8.20
CA ASN A 445 -16.92 -12.36 -7.33
C ASN A 445 -15.64 -11.98 -6.55
N TYR A 446 -15.65 -12.25 -5.24
CA TYR A 446 -14.58 -11.92 -4.30
C TYR A 446 -14.10 -13.16 -3.50
N ASN A 447 -14.63 -14.36 -3.81
CA ASN A 447 -14.30 -15.61 -3.10
C ASN A 447 -12.88 -16.13 -3.35
N TYR A 448 -12.26 -15.67 -4.44
CA TYR A 448 -10.87 -15.95 -4.77
C TYR A 448 -9.95 -14.89 -4.15
N LEU A 449 -8.96 -15.35 -3.39
CA LEU A 449 -7.96 -14.52 -2.69
C LEU A 449 -6.54 -14.79 -3.21
N TYR A 450 -5.64 -13.88 -2.87
CA TYR A 450 -4.20 -14.00 -3.04
C TYR A 450 -3.48 -13.28 -1.90
N ARG A 451 -2.32 -13.80 -1.49
CA ARG A 451 -1.37 -13.13 -0.62
C ARG A 451 -0.71 -11.97 -1.39
N LEU A 452 -0.73 -10.80 -0.78
CA LEU A 452 -0.16 -9.57 -1.34
C LEU A 452 1.13 -9.14 -0.61
N PHE A 453 1.37 -9.67 0.59
CA PHE A 453 2.57 -9.39 1.37
C PHE A 453 3.04 -10.67 2.10
N ARG A 454 4.36 -10.88 2.12
CA ARG A 454 5.02 -11.93 2.92
C ARG A 454 6.43 -11.45 3.30
N LYS A 455 6.95 -11.87 4.46
CA LYS A 455 8.28 -11.43 4.96
C LYS A 455 9.45 -11.90 4.08
N SER A 456 9.27 -13.04 3.41
CA SER A 456 10.22 -13.67 2.50
C SER A 456 9.45 -14.34 1.35
N ASN A 457 10.11 -14.51 0.21
CA ASN A 457 9.55 -15.28 -0.91
C ASN A 457 9.35 -16.76 -0.51
N LEU A 458 8.38 -17.43 -1.11
CA LEU A 458 8.15 -18.87 -0.98
C LEU A 458 9.32 -19.67 -1.60
N LYS A 459 9.64 -20.82 -0.99
CA LYS A 459 10.36 -21.91 -1.65
C LYS A 459 9.47 -22.56 -2.72
N PRO A 460 10.06 -23.30 -3.68
CA PRO A 460 9.29 -24.08 -4.64
C PRO A 460 8.27 -25.01 -3.98
N PHE A 461 7.02 -24.94 -4.44
CA PHE A 461 5.87 -25.68 -3.89
C PHE A 461 5.60 -25.49 -2.38
N GLU A 462 6.11 -24.43 -1.75
CA GLU A 462 5.70 -24.03 -0.40
C GLU A 462 4.27 -23.43 -0.40
N ARG A 463 3.45 -23.79 0.59
CA ARG A 463 2.04 -23.34 0.71
C ARG A 463 1.84 -22.57 2.00
N ASP A 464 1.66 -21.26 1.89
CA ASP A 464 1.40 -20.39 3.03
C ASP A 464 -0.09 -20.01 3.09
N ILE A 465 -0.81 -20.63 4.03
CA ILE A 465 -2.23 -20.35 4.32
C ILE A 465 -2.45 -19.38 5.51
N SER A 466 -1.38 -18.84 6.12
CA SER A 466 -1.47 -18.01 7.33
C SER A 466 -2.24 -16.70 7.10
N THR A 467 -3.02 -16.27 8.08
CA THR A 467 -3.81 -15.02 8.04
C THR A 467 -3.28 -13.91 8.95
N GLU A 468 -2.14 -14.13 9.59
CA GLU A 468 -1.47 -13.19 10.49
C GLU A 468 -1.19 -11.82 9.85
N ILE A 469 -1.44 -10.74 10.59
CA ILE A 469 -1.21 -9.38 10.12
C ILE A 469 0.26 -9.19 9.72
N TYR A 470 0.48 -8.82 8.46
CA TYR A 470 1.79 -8.50 7.94
C TYR A 470 2.28 -7.17 8.51
N GLN A 471 3.27 -7.27 9.39
CA GLN A 471 4.04 -6.14 9.87
C GLN A 471 5.09 -5.73 8.84
N ALA A 472 4.88 -4.59 8.19
CA ALA A 472 5.88 -3.89 7.39
C ALA A 472 6.78 -2.95 8.23
N GLY A 473 6.37 -2.56 9.44
CA GLY A 473 7.04 -1.53 10.25
C GLY A 473 7.90 -2.11 11.38
N ASN A 474 8.47 -1.24 12.21
CA ASN A 474 9.27 -1.65 13.39
C ASN A 474 8.49 -1.57 14.71
N LYS A 475 7.15 -1.60 14.67
CA LYS A 475 6.28 -1.64 15.85
C LYS A 475 5.34 -2.85 15.73
N PRO A 476 5.11 -3.62 16.81
CA PRO A 476 4.21 -4.77 16.80
C PRO A 476 2.77 -4.38 16.39
N CYS A 477 2.15 -5.18 15.52
CA CYS A 477 0.73 -5.03 15.16
C CYS A 477 -0.25 -5.48 16.26
N ASN A 478 0.21 -6.39 17.13
CA ASN A 478 -0.61 -7.14 18.10
C ASN A 478 -1.85 -7.86 17.50
N GLY A 479 -1.77 -8.32 16.23
CA GLY A 479 -2.88 -8.95 15.49
C GLY A 479 -3.90 -7.98 14.88
N VAL A 480 -3.70 -6.66 15.00
CA VAL A 480 -4.61 -5.62 14.50
C VAL A 480 -4.08 -4.98 13.22
N ALA A 481 -4.93 -4.82 12.20
CA ALA A 481 -4.62 -4.03 11.00
C ALA A 481 -4.60 -2.52 11.30
N GLY A 482 -3.67 -1.79 10.69
CA GLY A 482 -3.30 -0.44 11.10
C GLY A 482 -2.08 0.10 10.33
N PHE A 483 -1.31 1.02 10.92
CA PHE A 483 -0.12 1.56 10.23
C PHE A 483 0.99 0.54 10.11
N ASN A 484 1.49 0.36 8.90
CA ASN A 484 2.47 -0.66 8.57
C ASN A 484 2.02 -2.08 9.01
N CYS A 485 0.71 -2.30 9.17
CA CYS A 485 0.07 -3.50 9.73
C CYS A 485 -1.07 -3.95 8.80
N TYR A 486 -0.79 -4.84 7.85
CA TYR A 486 -1.71 -5.15 6.74
C TYR A 486 -2.27 -6.57 6.83
N PHE A 487 -3.56 -6.76 6.48
CA PHE A 487 -4.09 -8.09 6.16
C PHE A 487 -3.29 -8.71 5.00
N PRO A 488 -2.65 -9.89 5.18
CA PRO A 488 -1.71 -10.42 4.19
C PRO A 488 -2.39 -10.88 2.90
N LEU A 489 -3.66 -11.28 3.01
CA LEU A 489 -4.49 -11.74 1.91
C LEU A 489 -5.41 -10.61 1.42
N ARG A 490 -5.70 -10.61 0.12
CA ARG A 490 -6.66 -9.72 -0.52
C ARG A 490 -7.50 -10.52 -1.53
N SER A 491 -8.78 -10.18 -1.67
CA SER A 491 -9.56 -10.62 -2.82
C SER A 491 -9.11 -9.88 -4.10
N TYR A 492 -9.31 -10.51 -5.26
CA TYR A 492 -9.38 -9.76 -6.52
C TYR A 492 -10.73 -9.02 -6.63
N SER A 493 -11.17 -8.76 -7.86
CA SER A 493 -12.57 -8.59 -8.23
C SER A 493 -12.72 -9.24 -9.60
N PHE A 494 -13.65 -10.18 -9.76
CA PHE A 494 -13.92 -10.84 -11.05
C PHE A 494 -15.34 -10.48 -11.50
N ARG A 495 -15.42 -9.49 -12.41
CA ARG A 495 -16.64 -8.99 -13.05
C ARG A 495 -16.61 -9.37 -14.53
N PRO A 496 -17.74 -9.77 -15.15
CA PRO A 496 -17.76 -10.22 -16.55
C PRO A 496 -17.25 -9.18 -17.56
N THR A 497 -17.47 -7.89 -17.26
CA THR A 497 -17.13 -6.72 -18.07
C THR A 497 -15.67 -6.28 -18.03
N TYR A 498 -14.84 -6.89 -17.18
CA TYR A 498 -13.41 -6.54 -17.14
C TYR A 498 -12.68 -7.00 -18.41
N GLY A 499 -11.62 -6.28 -18.80
CA GLY A 499 -10.74 -6.71 -19.90
C GLY A 499 -10.03 -8.03 -19.58
N VAL A 500 -9.60 -8.76 -20.62
CA VAL A 500 -9.12 -10.14 -20.53
C VAL A 500 -7.99 -10.35 -19.50
N GLY A 501 -7.09 -9.38 -19.35
CA GLY A 501 -6.02 -9.39 -18.34
C GLY A 501 -6.47 -9.36 -16.88
N HIS A 502 -7.68 -8.85 -16.61
CA HIS A 502 -8.32 -8.81 -15.28
C HIS A 502 -9.37 -9.90 -15.05
N GLN A 503 -9.75 -10.66 -16.07
CA GLN A 503 -10.68 -11.79 -15.95
C GLN A 503 -10.03 -12.97 -15.21
N PRO A 504 -10.81 -13.85 -14.55
CA PRO A 504 -10.27 -15.03 -13.88
C PRO A 504 -9.76 -16.04 -14.91
N TYR A 505 -8.58 -16.59 -14.64
CA TYR A 505 -8.04 -17.77 -15.30
C TYR A 505 -7.92 -18.89 -14.28
N ARG A 506 -8.55 -20.03 -14.58
CA ARG A 506 -8.27 -21.29 -13.89
C ARG A 506 -6.92 -21.80 -14.41
N VAL A 507 -6.08 -22.21 -13.47
CA VAL A 507 -4.75 -22.76 -13.73
C VAL A 507 -4.68 -24.16 -13.13
N VAL A 508 -4.13 -25.09 -13.90
CA VAL A 508 -3.67 -26.40 -13.43
C VAL A 508 -2.19 -26.53 -13.77
N VAL A 509 -1.36 -26.89 -12.79
CA VAL A 509 0.05 -27.21 -13.01
C VAL A 509 0.26 -28.69 -12.73
N LEU A 510 0.81 -29.40 -13.71
CA LEU A 510 1.16 -30.82 -13.63
C LEU A 510 2.66 -30.96 -13.35
N SER A 511 3.06 -31.74 -12.34
CA SER A 511 4.46 -32.01 -11.95
C SER A 511 4.71 -33.47 -11.58
N GLU B 1 16.15 7.89 -6.28
CA GLU B 1 15.56 8.57 -5.11
C GLU B 1 14.04 8.46 -5.21
N VAL B 2 13.32 8.36 -4.10
CA VAL B 2 11.84 8.44 -4.13
C VAL B 2 11.41 9.91 -4.17
N GLN B 3 10.51 10.26 -5.09
CA GLN B 3 9.98 11.61 -5.22
C GLN B 3 8.48 11.58 -5.53
N LEU B 4 7.74 12.55 -4.97
CA LEU B 4 6.33 12.81 -5.26
C LEU B 4 6.22 14.12 -6.07
N VAL B 5 5.67 14.05 -7.27
CA VAL B 5 5.47 15.21 -8.16
C VAL B 5 3.99 15.46 -8.36
N GLN B 6 3.49 16.58 -7.85
CA GLN B 6 2.09 16.95 -7.96
C GLN B 6 1.75 17.74 -9.24
N SER B 7 0.47 17.77 -9.59
CA SER B 7 -0.05 18.66 -10.65
C SER B 7 0.04 20.14 -10.28
N GLY B 8 0.08 20.99 -11.31
CA GLY B 8 0.13 22.45 -11.19
C GLY B 8 -1.13 23.06 -10.56
N PRO B 9 -1.10 24.37 -10.25
CA PRO B 9 -2.16 25.04 -9.51
C PRO B 9 -3.50 25.01 -10.24
N GLU B 10 -4.59 24.98 -9.47
CA GLU B 10 -5.96 24.93 -9.96
C GLU B 10 -6.75 26.16 -9.48
N VAL B 11 -7.52 26.76 -10.39
CA VAL B 11 -8.53 27.77 -10.06
C VAL B 11 -9.91 27.20 -10.40
N LYS B 12 -10.80 27.16 -9.41
CA LYS B 12 -12.14 26.58 -9.52
C LYS B 12 -13.21 27.59 -9.10
N LYS B 13 -14.46 27.31 -9.45
CA LYS B 13 -15.62 28.03 -8.90
C LYS B 13 -16.19 27.24 -7.72
N PRO B 14 -16.88 27.89 -6.76
CA PRO B 14 -17.66 27.20 -5.74
C PRO B 14 -18.69 26.24 -6.35
N GLY B 15 -18.97 25.13 -5.65
CA GLY B 15 -19.86 24.06 -6.09
C GLY B 15 -19.25 23.05 -7.08
N THR B 16 -18.20 23.42 -7.81
CA THR B 16 -17.49 22.50 -8.72
C THR B 16 -16.59 21.48 -7.99
N SER B 17 -15.85 20.66 -8.73
CA SER B 17 -14.85 19.71 -8.21
C SER B 17 -13.43 20.08 -8.67
N VAL B 18 -12.42 19.67 -7.88
CA VAL B 18 -10.99 19.66 -8.26
C VAL B 18 -10.45 18.24 -8.17
N LYS B 19 -9.48 17.88 -9.02
CA LYS B 19 -8.78 16.59 -8.99
C LYS B 19 -7.27 16.80 -9.07
N VAL B 20 -6.62 16.79 -7.92
CA VAL B 20 -5.16 16.95 -7.81
C VAL B 20 -4.48 15.61 -8.08
N ALA B 21 -3.48 15.58 -8.95
CA ALA B 21 -2.63 14.40 -9.18
C ALA B 21 -1.39 14.45 -8.28
N CYS B 22 -0.92 13.27 -7.87
CA CYS B 22 0.41 13.01 -7.34
C CYS B 22 1.01 11.82 -8.09
N LYS B 23 2.05 12.05 -8.89
CA LYS B 23 2.87 10.99 -9.48
C LYS B 23 4.03 10.64 -8.55
N ALA B 24 4.09 9.39 -8.10
CA ALA B 24 5.23 8.86 -7.36
C ALA B 24 6.26 8.26 -8.34
N SER B 25 7.53 8.42 -7.99
CA SER B 25 8.68 7.85 -8.70
C SER B 25 9.67 7.23 -7.71
N GLY B 26 10.53 6.33 -8.19
CA GLY B 26 11.61 5.75 -7.38
C GLY B 26 11.21 4.61 -6.42
N PHE B 27 9.92 4.35 -6.23
CA PHE B 27 9.40 3.13 -5.60
C PHE B 27 8.23 2.55 -6.38
N THR B 28 8.02 1.25 -6.24
CA THR B 28 6.88 0.53 -6.83
C THR B 28 5.66 0.60 -5.91
N PHE B 29 4.48 0.86 -6.49
CA PHE B 29 3.15 0.78 -5.83
C PHE B 29 2.79 -0.63 -5.31
N ILE B 30 3.60 -1.64 -5.60
CA ILE B 30 3.44 -3.02 -5.11
C ILE B 30 3.67 -3.11 -3.59
N THR B 31 4.52 -2.24 -3.03
CA THR B 31 4.74 -2.16 -1.57
C THR B 31 3.50 -1.60 -0.87
N PRO B 32 3.15 -2.09 0.35
CA PRO B 32 2.00 -1.59 1.11
C PRO B 32 2.32 -0.23 1.75
N VAL B 33 2.38 0.79 0.92
CA VAL B 33 2.66 2.18 1.32
C VAL B 33 1.34 2.92 1.47
N SER B 34 1.14 3.66 2.56
CA SER B 34 0.06 4.63 2.66
C SER B 34 0.48 5.94 1.97
N MET B 35 -0.17 6.30 0.86
CA MET B 35 -0.13 7.69 0.39
C MET B 35 -1.28 8.45 1.02
N GLN B 36 -0.97 9.61 1.57
CA GLN B 36 -1.87 10.46 2.34
C GLN B 36 -2.09 11.78 1.61
N TRP B 37 -3.19 12.45 1.95
CA TRP B 37 -3.50 13.79 1.49
C TRP B 37 -3.75 14.70 2.69
N VAL B 38 -3.06 15.84 2.69
CA VAL B 38 -3.07 16.87 3.73
C VAL B 38 -3.26 18.20 3.03
N ARG B 39 -4.01 19.13 3.60
CA ARG B 39 -4.10 20.51 3.07
C ARG B 39 -3.69 21.54 4.10
N GLN B 40 -3.40 22.73 3.61
CA GLN B 40 -3.08 23.89 4.42
C GLN B 40 -3.64 25.16 3.77
N ALA B 41 -4.71 25.72 4.36
CA ALA B 41 -5.15 27.07 4.02
C ALA B 41 -4.13 28.10 4.53
N ARG B 42 -4.02 29.27 3.89
CA ARG B 42 -2.97 30.26 4.22
C ARG B 42 -3.04 30.69 5.69
N GLY B 43 -1.93 30.46 6.41
CA GLY B 43 -1.77 30.76 7.84
C GLY B 43 -2.52 29.83 8.79
N GLN B 44 -3.14 28.77 8.28
CA GLN B 44 -3.89 27.78 9.07
C GLN B 44 -3.04 26.54 9.38
N ARG B 45 -3.52 25.74 10.34
CA ARG B 45 -2.99 24.41 10.64
C ARG B 45 -3.04 23.48 9.41
N LEU B 46 -2.23 22.43 9.47
CA LEU B 46 -2.37 21.26 8.61
C LEU B 46 -3.68 20.50 8.93
N GLU B 47 -4.47 20.21 7.89
CA GLU B 47 -5.65 19.36 7.95
C GLU B 47 -5.42 18.08 7.14
N TRP B 48 -5.47 16.91 7.80
CA TRP B 48 -5.46 15.63 7.10
C TRP B 48 -6.82 15.33 6.46
N LEU B 49 -6.82 14.96 5.17
CA LEU B 49 -8.01 14.68 4.37
C LEU B 49 -8.37 13.19 4.38
N GLY B 50 -7.37 12.33 4.22
CA GLY B 50 -7.52 10.89 4.00
C GLY B 50 -6.26 10.24 3.44
N TRP B 51 -6.36 8.96 3.09
CA TRP B 51 -5.24 8.18 2.55
C TRP B 51 -5.71 7.03 1.65
N ILE B 52 -4.75 6.39 0.98
CA ILE B 52 -4.91 5.19 0.17
C ILE B 52 -3.71 4.24 0.36
N VAL B 53 -3.97 2.94 0.55
CA VAL B 53 -2.93 1.90 0.43
C VAL B 53 -2.56 1.76 -1.05
N LEU B 54 -1.29 1.95 -1.41
CA LEU B 54 -0.82 1.87 -2.81
C LEU B 54 -0.76 0.45 -3.40
N ALA B 55 -0.83 -0.59 -2.56
CA ALA B 55 -0.94 -1.99 -2.98
C ALA B 55 -2.38 -2.55 -3.01
N SER B 56 -3.18 -2.36 -1.95
CA SER B 56 -4.55 -2.92 -1.87
C SER B 56 -5.66 -2.00 -2.43
N GLY B 57 -5.56 -0.69 -2.22
CA GLY B 57 -6.49 0.32 -2.77
C GLY B 57 -7.57 0.73 -1.77
N ASN B 58 -7.48 0.21 -0.56
CA ASN B 58 -8.28 0.61 0.59
C ASN B 58 -8.00 2.08 0.91
N THR B 59 -9.05 2.85 1.17
CA THR B 59 -9.02 4.26 1.56
C THR B 59 -9.70 4.46 2.91
N ASP B 60 -9.40 5.60 3.55
CA ASP B 60 -10.13 6.17 4.69
C ASP B 60 -9.97 7.70 4.63
N TYR B 61 -10.89 8.42 5.25
CA TYR B 61 -11.05 9.87 5.15
C TYR B 61 -11.32 10.47 6.53
N ALA B 62 -10.85 11.69 6.78
CA ALA B 62 -11.30 12.44 7.94
C ALA B 62 -12.81 12.71 7.85
N GLN B 63 -13.53 12.49 8.95
CA GLN B 63 -15.00 12.61 9.01
C GLN B 63 -15.55 13.96 8.52
N LYS B 64 -14.83 15.06 8.79
CA LYS B 64 -15.23 16.43 8.32
C LYS B 64 -15.32 16.44 6.79
N PHE B 65 -14.31 15.92 6.06
CA PHE B 65 -14.25 15.90 4.56
C PHE B 65 -14.40 14.47 4.03
N GLN B 66 -15.22 13.62 4.65
CA GLN B 66 -15.35 12.18 4.25
C GLN B 66 -16.31 12.06 3.05
N GLU B 67 -17.39 12.85 3.00
CA GLU B 67 -18.43 12.75 1.94
C GLU B 67 -17.92 13.33 0.60
N ARG B 68 -17.13 14.43 0.62
CA ARG B 68 -16.67 15.12 -0.62
C ARG B 68 -15.39 14.46 -1.18
N VAL B 69 -14.43 14.17 -0.32
CA VAL B 69 -13.13 13.68 -0.80
C VAL B 69 -13.29 12.27 -1.37
N THR B 70 -12.67 12.02 -2.52
CA THR B 70 -12.45 10.69 -3.07
C THR B 70 -10.98 10.56 -3.46
N ILE B 71 -10.24 9.64 -2.83
CA ILE B 71 -8.87 9.32 -3.22
C ILE B 71 -8.90 8.06 -4.09
N ILE B 72 -8.20 8.09 -5.22
CA ILE B 72 -8.02 6.95 -6.13
C ILE B 72 -6.55 6.84 -6.53
N ARG B 73 -6.21 5.75 -7.21
CA ARG B 73 -4.89 5.53 -7.81
C ARG B 73 -5.02 4.97 -9.21
N ASP B 74 -4.02 5.25 -10.02
CA ASP B 74 -3.69 4.53 -11.23
C ASP B 74 -2.32 3.85 -11.02
N MET B 75 -2.35 2.52 -11.04
CA MET B 75 -1.16 1.67 -10.91
C MET B 75 -0.24 1.73 -12.15
N SER B 76 -0.79 2.04 -13.33
CA SER B 76 -0.06 2.01 -14.60
C SER B 76 0.82 3.25 -14.80
N THR B 77 0.38 4.40 -14.28
CA THR B 77 1.17 5.65 -14.30
C THR B 77 1.87 5.97 -12.97
N SER B 78 1.75 5.10 -11.95
CA SER B 78 2.20 5.34 -10.57
C SER B 78 1.68 6.67 -9.99
N THR B 79 0.38 6.95 -10.19
CA THR B 79 -0.24 8.23 -9.80
C THR B 79 -1.41 8.02 -8.85
N ALA B 80 -1.37 8.62 -7.66
CA ALA B 80 -2.56 8.82 -6.85
C ALA B 80 -3.28 10.11 -7.27
N TYR B 81 -4.59 10.17 -7.07
CA TYR B 81 -5.38 11.39 -7.24
C TYR B 81 -6.23 11.63 -5.99
N MET B 82 -6.39 12.89 -5.61
CA MET B 82 -7.39 13.32 -4.64
C MET B 82 -8.38 14.24 -5.35
N GLU B 83 -9.64 13.80 -5.40
CA GLU B 83 -10.75 14.56 -5.92
C GLU B 83 -11.55 15.15 -4.75
N LEU B 84 -11.81 16.47 -4.78
CA LEU B 84 -12.66 17.16 -3.81
C LEU B 84 -13.83 17.83 -4.52
N SER B 85 -15.03 17.35 -4.20
CA SER B 85 -16.31 17.84 -4.74
C SER B 85 -16.97 18.89 -3.86
N ARG B 86 -17.97 19.59 -4.41
CA ARG B 86 -18.83 20.58 -3.73
C ARG B 86 -17.98 21.68 -3.05
N LEU B 87 -17.03 22.22 -3.81
CA LEU B 87 -16.03 23.16 -3.32
C LEU B 87 -16.65 24.41 -2.69
N ARG B 88 -16.05 24.88 -1.60
CA ARG B 88 -16.35 26.12 -0.88
C ARG B 88 -15.10 27.01 -0.89
N THR B 89 -15.25 28.30 -0.63
CA THR B 89 -14.13 29.26 -0.49
C THR B 89 -13.12 28.86 0.61
N GLU B 90 -13.59 28.23 1.68
CA GLU B 90 -12.77 27.64 2.76
C GLU B 90 -11.90 26.45 2.34
N ASP B 91 -12.13 25.90 1.15
CA ASP B 91 -11.33 24.84 0.55
C ASP B 91 -10.13 25.37 -0.25
N THR B 92 -9.96 26.71 -0.33
CA THR B 92 -8.75 27.37 -0.83
C THR B 92 -7.56 27.06 0.06
N ALA B 93 -6.64 26.25 -0.44
CA ALA B 93 -5.50 25.71 0.30
C ALA B 93 -4.42 25.21 -0.65
N VAL B 94 -3.20 25.04 -0.11
CA VAL B 94 -2.21 24.14 -0.73
C VAL B 94 -2.54 22.71 -0.29
N TYR B 95 -2.83 21.84 -1.27
CA TYR B 95 -3.04 20.42 -1.06
C TYR B 95 -1.71 19.69 -1.29
N TYR B 96 -1.23 18.98 -0.28
CA TYR B 96 -0.07 18.11 -0.34
C TYR B 96 -0.50 16.64 -0.41
N CYS B 97 0.17 15.88 -1.26
CA CYS B 97 0.36 14.45 -1.06
C CYS B 97 1.54 14.22 -0.09
N ALA B 98 1.55 13.07 0.59
CA ALA B 98 2.72 12.58 1.35
C ALA B 98 2.74 11.06 1.43
N ALA B 99 3.93 10.45 1.56
CA ALA B 99 4.13 9.01 1.70
C ALA B 99 5.37 8.69 2.59
N PRO B 100 5.42 7.55 3.33
CA PRO B 100 6.63 7.19 4.10
C PRO B 100 7.68 6.61 3.14
N SER B 101 8.99 6.78 3.41
CA SER B 101 10.10 6.24 2.58
C SER B 101 10.10 4.72 2.80
N CYS B 102 9.48 3.92 1.93
CA CYS B 102 9.29 2.44 2.10
C CYS B 102 10.31 1.63 1.28
N SER B 103 10.46 0.33 1.56
CA SER B 103 11.37 -0.62 0.85
C SER B 103 10.58 -1.90 0.53
N ARG B 104 11.16 -2.88 -0.17
CA ARG B 104 10.43 -4.09 -0.62
C ARG B 104 9.53 -4.75 0.44
N THR B 105 10.02 -4.88 1.68
CA THR B 105 9.36 -5.59 2.79
C THR B 105 9.44 -4.84 4.13
N ILE B 106 9.79 -3.55 4.11
CA ILE B 106 10.02 -2.76 5.33
C ILE B 106 9.74 -1.26 5.09
N CYS B 107 8.97 -0.66 5.97
CA CYS B 107 8.59 0.76 6.01
C CYS B 107 9.29 1.48 7.16
N SER B 108 9.54 2.79 6.99
CA SER B 108 9.80 3.72 8.10
C SER B 108 8.58 3.89 9.02
N ASP B 109 8.80 4.36 10.25
CA ASP B 109 7.76 4.63 11.25
C ASP B 109 7.32 6.12 11.34
N GLY B 110 7.61 6.94 10.33
CA GLY B 110 7.07 8.30 10.14
C GLY B 110 6.96 8.67 8.64
N PHE B 111 6.08 9.63 8.32
CA PHE B 111 5.82 10.09 6.93
C PHE B 111 6.71 11.26 6.55
N ASP B 112 7.69 11.02 5.69
CA ASP B 112 8.80 11.94 5.45
C ASP B 112 8.85 12.52 4.03
N ILE B 113 8.31 11.83 3.02
CA ILE B 113 8.31 12.31 1.64
C ILE B 113 6.99 13.04 1.35
N TRP B 114 7.09 14.33 1.04
CA TRP B 114 5.98 15.20 0.68
C TRP B 114 6.12 15.63 -0.78
N GLY B 115 5.00 15.75 -1.50
CA GLY B 115 5.01 16.47 -2.78
C GLY B 115 5.19 17.97 -2.54
N GLN B 116 5.50 18.71 -3.61
CA GLN B 116 5.73 20.16 -3.53
C GLN B 116 4.47 20.98 -3.19
N GLY B 117 3.29 20.34 -3.18
CA GLY B 117 1.99 20.98 -2.98
C GLY B 117 1.36 21.49 -4.29
N THR B 118 0.03 21.48 -4.31
CA THR B 118 -0.81 22.06 -5.36
C THR B 118 -1.68 23.13 -4.74
N MET B 119 -1.50 24.39 -5.12
CA MET B 119 -2.44 25.45 -4.72
C MET B 119 -3.78 25.26 -5.44
N VAL B 120 -4.86 25.13 -4.67
CA VAL B 120 -6.24 25.20 -5.19
C VAL B 120 -6.86 26.50 -4.68
N THR B 121 -7.39 27.32 -5.60
CA THR B 121 -8.14 28.55 -5.29
C THR B 121 -9.61 28.41 -5.71
N VAL B 122 -10.53 28.85 -4.84
CA VAL B 122 -12.00 28.68 -4.96
C VAL B 122 -12.74 29.99 -4.61
N VAL C 3 -7.16 15.76 20.88
CA VAL C 3 -6.72 17.16 20.63
C VAL C 3 -5.28 17.28 21.11
N LEU C 4 -4.38 17.78 20.27
CA LEU C 4 -3.01 18.13 20.67
C LEU C 4 -2.95 19.63 20.93
N THR C 5 -2.35 20.05 22.05
CA THR C 5 -2.13 21.46 22.41
C THR C 5 -0.64 21.67 22.61
N GLN C 6 -0.02 22.52 21.79
CA GLN C 6 1.39 22.89 21.94
C GLN C 6 1.56 24.08 22.88
N SER C 7 2.75 24.22 23.48
CA SER C 7 3.15 25.41 24.22
C SER C 7 4.68 25.64 24.20
N PRO C 8 5.13 26.92 24.24
CA PRO C 8 4.32 28.14 24.02
C PRO C 8 3.83 28.24 22.56
N GLY C 9 3.02 29.26 22.26
CA GLY C 9 2.57 29.55 20.89
C GLY C 9 3.63 30.24 20.02
N THR C 10 4.45 31.08 20.65
CA THR C 10 5.68 31.66 20.08
C THR C 10 6.80 31.58 21.12
N LEU C 11 8.04 31.36 20.67
CA LEU C 11 9.24 31.25 21.49
C LEU C 11 10.37 32.05 20.83
N SER C 12 10.61 33.26 21.32
CA SER C 12 11.70 34.13 20.86
C SER C 12 13.00 33.74 21.59
N LEU C 13 14.07 33.40 20.86
CA LEU C 13 15.37 32.94 21.40
C LEU C 13 16.52 33.33 20.46
N SER C 14 17.69 33.65 21.04
CA SER C 14 18.92 33.88 20.26
C SER C 14 19.48 32.55 19.68
N PRO C 15 20.25 32.63 18.56
CA PRO C 15 21.13 31.54 18.14
C PRO C 15 22.10 31.13 19.25
N GLY C 16 22.30 29.82 19.41
CA GLY C 16 23.08 29.22 20.48
C GLY C 16 22.27 28.81 21.73
N GLU C 17 21.07 29.36 21.94
CA GLU C 17 20.21 28.98 23.07
C GLU C 17 19.51 27.63 22.88
N ARG C 18 19.00 27.06 23.99
CA ARG C 18 18.22 25.82 23.97
C ARG C 18 16.71 26.12 23.86
N ALA C 19 16.11 25.72 22.73
CA ALA C 19 14.64 25.67 22.64
C ALA C 19 14.09 24.39 23.28
N THR C 20 12.95 24.51 23.97
CA THR C 20 12.15 23.38 24.47
C THR C 20 10.68 23.63 24.18
N LEU C 21 10.05 22.75 23.39
CA LEU C 21 8.67 22.89 22.91
C LEU C 21 7.83 21.73 23.45
N SER C 22 6.71 22.04 24.12
CA SER C 22 5.77 21.03 24.61
C SER C 22 4.67 20.70 23.60
N CYS C 23 4.22 19.44 23.62
CA CYS C 23 2.95 18.97 23.07
C CYS C 23 2.22 18.17 24.17
N ARG C 24 0.95 18.53 24.41
CA ARG C 24 0.03 17.79 25.27
C ARG C 24 -1.15 17.18 24.49
N ALA C 25 -1.27 15.85 24.53
CA ALA C 25 -2.48 15.12 24.15
C ALA C 25 -3.57 15.27 25.22
N SER C 26 -4.78 15.67 24.81
CA SER C 26 -5.84 16.14 25.70
C SER C 26 -6.66 14.99 26.33
N GLN C 27 -7.83 14.64 25.77
CA GLN C 27 -8.77 13.65 26.33
C GLN C 27 -8.34 12.19 26.12
N SER C 28 -7.77 11.88 24.96
CA SER C 28 -7.38 10.54 24.54
C SER C 28 -5.90 10.51 24.19
N VAL C 29 -5.36 9.29 24.20
CA VAL C 29 -3.93 8.97 24.08
C VAL C 29 -3.72 7.87 23.04
N SER C 30 -3.41 6.64 23.45
CA SER C 30 -3.00 5.52 22.57
C SER C 30 -1.78 5.87 21.67
N SER C 31 -0.93 6.77 22.19
CA SER C 31 0.23 7.39 21.54
C SER C 31 1.40 6.42 21.31
N SER C 32 1.38 5.80 20.13
CA SER C 32 2.34 4.73 19.74
C SER C 32 3.06 4.99 18.40
N TYR C 33 2.66 6.05 17.69
CA TYR C 33 3.23 6.50 16.41
C TYR C 33 3.28 8.04 16.35
N LEU C 34 3.85 8.66 17.39
CA LEU C 34 3.91 10.13 17.54
C LEU C 34 4.90 10.74 16.53
N ALA C 35 4.59 11.93 16.02
CA ALA C 35 5.32 12.63 14.97
C ALA C 35 5.55 14.12 15.29
N TRP C 36 6.58 14.70 14.67
CA TRP C 36 7.06 16.07 14.89
C TRP C 36 7.67 16.60 13.59
N PHE C 37 7.34 17.85 13.27
CA PHE C 37 7.65 18.48 11.99
C PHE C 37 8.17 19.91 12.19
N GLN C 38 9.05 20.34 11.28
CA GLN C 38 9.41 21.75 11.05
C GLN C 38 8.73 22.23 9.77
N GLN C 39 8.28 23.48 9.73
CA GLN C 39 7.80 24.14 8.52
C GLN C 39 8.37 25.54 8.39
N LYS C 40 9.03 25.80 7.25
CA LYS C 40 9.52 27.13 6.86
C LYS C 40 8.48 27.84 5.97
N PRO C 41 8.46 29.19 5.91
CA PRO C 41 7.51 29.92 5.09
C PRO C 41 7.53 29.48 3.62
N GLY C 42 6.36 29.17 3.06
CA GLY C 42 6.21 28.72 1.67
C GLY C 42 6.70 27.29 1.37
N GLN C 43 7.15 26.53 2.37
CA GLN C 43 7.61 25.14 2.18
C GLN C 43 6.61 24.14 2.77
N ALA C 44 6.61 22.90 2.26
CA ALA C 44 5.92 21.79 2.90
C ALA C 44 6.55 21.47 4.28
N PRO C 45 5.79 20.86 5.23
CA PRO C 45 6.35 20.36 6.48
C PRO C 45 7.41 19.27 6.24
N ARG C 46 8.50 19.31 7.02
CA ARG C 46 9.54 18.29 7.06
C ARG C 46 9.50 17.55 8.39
N LEU C 47 9.48 16.21 8.35
CA LEU C 47 9.57 15.36 9.53
C LEU C 47 10.92 15.52 10.23
N LEU C 48 10.91 15.77 11.54
CA LEU C 48 12.09 15.82 12.41
C LEU C 48 12.23 14.59 13.31
N ILE C 49 11.15 14.23 14.00
CA ILE C 49 11.08 13.12 14.95
C ILE C 49 9.82 12.30 14.62
N PHE C 50 9.95 10.97 14.68
CA PHE C 50 8.86 10.02 14.55
C PHE C 50 8.94 8.95 15.65
N ALA C 51 7.88 8.16 15.81
CA ALA C 51 7.78 7.12 16.84
C ALA C 51 8.20 7.62 18.25
N ALA C 52 7.65 8.78 18.66
CA ALA C 52 7.94 9.51 19.91
C ALA C 52 9.35 10.15 20.02
N SER C 53 10.42 9.42 19.72
CA SER C 53 11.81 9.90 19.94
C SER C 53 12.78 9.61 18.78
N SER C 54 12.45 8.68 17.88
CA SER C 54 13.30 8.30 16.73
C SER C 54 13.52 9.47 15.77
N ARG C 55 14.78 9.89 15.61
CA ARG C 55 15.16 10.99 14.71
C ARG C 55 15.03 10.60 13.23
N ALA C 56 14.51 11.50 12.41
CA ALA C 56 14.47 11.32 10.96
C ALA C 56 15.86 11.45 10.29
N ILE C 57 16.00 10.82 9.12
CA ILE C 57 17.27 10.78 8.38
C ILE C 57 17.71 12.19 7.99
N GLY C 58 19.00 12.49 8.18
CA GLY C 58 19.57 13.81 7.89
C GLY C 58 19.14 14.93 8.86
N ILE C 59 18.49 14.62 9.99
CA ILE C 59 18.17 15.60 11.03
C ILE C 59 19.36 15.77 12.00
N PRO C 60 19.84 17.00 12.22
CA PRO C 60 20.99 17.28 13.10
C PRO C 60 20.82 16.77 14.53
N ALA C 61 21.94 16.42 15.17
CA ALA C 61 21.95 15.87 16.53
C ALA C 61 21.49 16.84 17.64
N ARG C 62 21.39 18.15 17.35
CA ARG C 62 20.77 19.14 18.24
C ARG C 62 19.28 18.91 18.49
N PHE C 63 18.56 18.28 17.54
CA PHE C 63 17.16 17.88 17.71
C PHE C 63 17.04 16.56 18.49
N SER C 64 16.13 16.55 19.46
CA SER C 64 15.77 15.38 20.25
C SER C 64 14.30 15.42 20.66
N GLY C 65 13.61 14.27 20.58
CA GLY C 65 12.23 14.11 21.05
C GLY C 65 12.14 13.21 22.28
N SER C 66 11.18 13.48 23.16
CA SER C 66 10.89 12.68 24.34
C SER C 66 9.40 12.73 24.70
N GLY C 67 8.98 11.83 25.59
CA GLY C 67 7.62 11.77 26.12
C GLY C 67 6.84 10.51 25.76
N SER C 68 5.76 10.28 26.49
CA SER C 68 4.86 9.13 26.35
C SER C 68 3.52 9.44 27.03
N GLY C 69 2.46 8.73 26.64
CA GLY C 69 1.11 9.03 27.16
C GLY C 69 0.62 10.40 26.70
N THR C 70 0.41 11.31 27.66
CA THR C 70 -0.17 12.64 27.40
C THR C 70 0.84 13.72 27.04
N ASP C 71 2.11 13.62 27.44
CA ASP C 71 3.04 14.76 27.43
C ASP C 71 4.32 14.44 26.63
N PHE C 72 4.61 15.28 25.64
CA PHE C 72 5.70 15.14 24.68
C PHE C 72 6.51 16.43 24.57
N THR C 73 7.79 16.31 24.28
CA THR C 73 8.71 17.45 24.19
C THR C 73 9.63 17.31 22.98
N LEU C 74 9.82 18.40 22.23
CA LEU C 74 10.92 18.57 21.28
C LEU C 74 11.94 19.54 21.90
N THR C 75 13.20 19.12 22.00
CA THR C 75 14.31 19.98 22.44
C THR C 75 15.29 20.20 21.29
N ILE C 76 15.69 21.46 21.09
CA ILE C 76 16.80 21.86 20.20
C ILE C 76 17.93 22.34 21.09
N SER C 77 19.02 21.56 21.20
CA SER C 77 20.03 21.75 22.27
C SER C 77 20.87 23.02 22.14
N ARG C 78 21.01 23.54 20.92
CA ARG C 78 21.71 24.76 20.49
C ARG C 78 21.05 25.21 19.19
N LEU C 79 20.29 26.31 19.20
CA LEU C 79 19.63 26.84 18.00
C LEU C 79 20.66 27.32 16.97
N GLU C 80 20.47 26.93 15.71
CA GLU C 80 21.18 27.53 14.56
C GLU C 80 20.22 28.43 13.75
N PRO C 81 20.72 29.41 12.95
CA PRO C 81 19.86 30.33 12.18
C PRO C 81 18.89 29.65 11.20
N GLU C 82 19.17 28.44 10.72
CA GLU C 82 18.23 27.69 9.89
C GLU C 82 17.08 27.01 10.69
N ASP C 83 17.09 27.02 12.03
CA ASP C 83 16.07 26.38 12.87
C ASP C 83 14.85 27.26 13.16
N PHE C 84 14.92 28.56 12.88
CA PHE C 84 13.81 29.49 13.10
C PHE C 84 12.68 29.26 12.09
N ALA C 85 11.57 28.71 12.60
CA ALA C 85 10.52 28.04 11.84
C ALA C 85 9.28 27.82 12.72
N VAL C 86 8.18 27.35 12.13
CA VAL C 86 7.04 26.82 12.89
C VAL C 86 7.19 25.32 13.08
N TYR C 87 7.00 24.84 14.30
CA TYR C 87 7.07 23.43 14.64
C TYR C 87 5.68 22.86 14.94
N TYR C 88 5.35 21.71 14.35
CA TYR C 88 4.10 21.00 14.59
C TYR C 88 4.34 19.58 15.12
N CYS C 89 3.61 19.21 16.15
CA CYS C 89 3.38 17.82 16.53
C CYS C 89 2.20 17.22 15.71
N GLN C 90 2.08 15.87 15.64
CA GLN C 90 0.91 15.16 15.00
C GLN C 90 0.70 13.73 15.52
N GLN C 91 -0.51 13.31 15.96
CA GLN C 91 -0.77 11.97 16.57
C GLN C 91 -1.17 10.97 15.46
N TYR C 92 -1.09 9.64 15.71
CA TYR C 92 -1.53 8.57 14.75
C TYR C 92 -2.19 7.41 15.52
N SER C 93 -2.79 6.43 14.82
CA SER C 93 -3.57 5.33 15.47
C SER C 93 -4.58 5.99 16.43
N SER C 94 -5.10 7.18 16.06
CA SER C 94 -6.10 7.96 16.84
C SER C 94 -6.96 8.76 15.85
N SER C 95 -7.48 8.12 14.79
CA SER C 95 -8.26 8.81 13.70
C SER C 95 -9.28 9.80 14.30
N PRO C 96 -9.64 10.95 13.66
CA PRO C 96 -8.75 11.67 12.71
C PRO C 96 -7.31 11.95 13.21
N TRP C 97 -6.30 11.82 12.33
CA TRP C 97 -4.88 12.06 12.65
C TRP C 97 -4.58 13.57 12.75
N THR C 98 -4.65 14.08 13.99
CA THR C 98 -4.59 15.52 14.30
C THR C 98 -3.16 16.01 14.47
N PHE C 99 -2.91 17.21 13.96
CA PHE C 99 -1.79 18.07 14.31
C PHE C 99 -2.10 18.93 15.55
N GLY C 100 -1.08 19.38 16.29
CA GLY C 100 -1.17 20.56 17.17
C GLY C 100 -1.33 21.86 16.38
N GLN C 101 -1.57 22.97 17.08
CA GLN C 101 -1.73 24.28 16.44
C GLN C 101 -0.40 24.91 15.95
N GLY C 102 0.74 24.35 16.38
CA GLY C 102 2.08 24.85 16.09
C GLY C 102 2.68 25.71 17.21
N THR C 103 4.02 25.78 17.21
CA THR C 103 4.83 26.73 17.98
C THR C 103 5.77 27.44 17.01
N LYS C 104 5.71 28.76 16.92
CA LYS C 104 6.68 29.55 16.14
C LYS C 104 7.95 29.78 16.96
N VAL C 105 9.12 29.40 16.45
CA VAL C 105 10.41 29.80 17.03
C VAL C 105 10.99 30.93 16.18
N GLU C 106 11.35 32.05 16.81
CA GLU C 106 11.86 33.26 16.15
C GLU C 106 13.05 33.89 16.90
N ILE C 107 13.85 34.68 16.17
CA ILE C 107 14.92 35.52 16.75
C ILE C 107 14.29 36.83 17.22
#